data_4YPF
#
_entry.id   4YPF
#
_cell.length_a   64.665
_cell.length_b   119.140
_cell.length_c   66.100
_cell.angle_alpha   90.000
_cell.angle_beta   92.550
_cell.angle_gamma   90.000
#
_symmetry.space_group_name_H-M   'I 1 2 1'
#
loop_
_entity.id
_entity.type
_entity.pdbx_description
1 polymer 'Histidyl-tRNA synthetase'
2 non-polymer HISTIDINE
3 non-polymer quinolin-3-amine
4 non-polymer 1,2-ETHANEDIOL
5 non-polymer 'SULFATE ION'
6 non-polymer 'DIMETHYL SULFOXIDE'
7 water water
#
_entity_poly.entity_id   1
_entity_poly.type   'polypeptide(L)'
_entity_poly.pdbx_seq_one_letter_code
;MAHHHHHHMGTLEAQTQGPGSMQKNMVETEPVQGCRDFPPEAMRCRRHLFDVFHATAKTFGFEEYDAPVLESEELYIRKA
GEEITEQMFNFITKGGHRVALRPEMTPSLARLLLGKGRSLLLPAKWYSIPQCWRYEAITRGRRREHYQWNMDIVGVKSVS
AEVELVCAACWAMRSLGLSSKDVGIKVNSRKVLQTVVEQAGVTSDKFAPVCVIVDKMEKIPREEVEAQLAVLGLEPTVVD
AITTTLSLKSIDEIAQRVGEEHEAVKELRQFFEQVEAYGYGDWVLFDASVVRGLAYYTGIVFEGFDREGKFRALCGGGRY
DNLLTTYGSPTPIPCAGFGFGDCVIVELLQEKRLLPDIPHVVDDVVIPFDESMRPHALAVLRRLRDAGRSADIILDKKKV
VQAFNYADRVGAVRAVLVAPEEWERGEVQVKMLREGTGKEEGGAERGFAVPLDRLV
;
_entity_poly.pdbx_strand_id   A
#
loop_
_chem_comp.id
_chem_comp.type
_chem_comp.name
_chem_comp.formula
4FS non-polymer quinolin-3-amine 'C9 H8 N2'
DMS non-polymer 'DIMETHYL SULFOXIDE' 'C2 H6 O S'
EDO non-polymer 1,2-ETHANEDIOL 'C2 H6 O2'
SO4 non-polymer 'SULFATE ION' 'O4 S -2'
#
# COMPACT_ATOMS: atom_id res chain seq x y z
N MET A 26 3.71 37.65 2.36
CA MET A 26 3.07 36.32 2.50
C MET A 26 3.84 35.27 1.69
N VAL A 27 4.30 34.22 2.37
CA VAL A 27 5.00 33.10 1.72
C VAL A 27 4.00 32.25 0.94
N GLU A 28 4.48 31.47 -0.02
CA GLU A 28 3.61 30.57 -0.76
C GLU A 28 3.18 29.43 0.16
N THR A 29 1.90 29.43 0.52
CA THR A 29 1.33 28.46 1.44
C THR A 29 1.01 27.12 0.77
N GLU A 30 0.83 27.12 -0.55
CA GLU A 30 0.57 25.86 -1.26
C GLU A 30 1.84 25.02 -1.34
N PRO A 31 1.70 23.68 -1.34
CA PRO A 31 2.87 22.84 -1.51
C PRO A 31 3.37 22.84 -2.94
N VAL A 32 4.55 22.27 -3.14
CA VAL A 32 5.10 22.13 -4.48
C VAL A 32 4.13 21.35 -5.37
N GLN A 33 4.17 21.70 -6.64
CA GLN A 33 3.36 21.13 -7.71
C GLN A 33 3.17 19.61 -7.63
N GLY A 34 1.92 19.19 -7.49
CA GLY A 34 1.56 17.76 -7.52
C GLY A 34 1.89 16.99 -6.27
N CYS A 35 2.02 17.68 -5.14
CA CYS A 35 2.39 17.08 -3.87
C CYS A 35 1.39 17.48 -2.79
N ARG A 36 1.06 16.55 -1.91
CA ARG A 36 0.06 16.77 -0.87
C ARG A 36 0.66 17.11 0.51
N ASP A 37 0.01 18.08 1.16
CA ASP A 37 0.15 18.33 2.57
C ASP A 37 -0.73 17.38 3.35
N PHE A 38 -0.28 17.00 4.55
CA PHE A 38 -1.08 16.18 5.47
C PHE A 38 -1.20 16.85 6.83
N PRO A 39 -2.05 17.90 6.93
CA PRO A 39 -2.34 18.39 8.27
C PRO A 39 -3.08 17.29 9.05
N PRO A 40 -3.26 17.47 10.37
CA PRO A 40 -3.70 16.39 11.26
C PRO A 40 -4.97 15.65 10.80
N GLU A 41 -5.96 16.39 10.34
CA GLU A 41 -7.20 15.83 9.75
C GLU A 41 -6.86 14.81 8.67
N ALA A 42 -6.13 15.26 7.65
CA ALA A 42 -5.76 14.38 6.55
C ALA A 42 -4.85 13.25 7.00
N MET A 43 -3.96 13.54 7.97
CA MET A 43 -3.01 12.54 8.45
C MET A 43 -3.72 11.36 9.14
N ARG A 44 -4.83 11.62 9.83
CA ARG A 44 -5.58 10.56 10.49
C ARG A 44 -6.14 9.58 9.46
N CYS A 45 -6.58 10.14 8.33
CA CYS A 45 -7.05 9.32 7.23
C CYS A 45 -5.91 8.45 6.65
N ARG A 46 -4.76 9.06 6.38
CA ARG A 46 -3.61 8.29 5.92
C ARG A 46 -3.21 7.21 6.93
N ARG A 47 -3.20 7.58 8.20
CA ARG A 47 -2.76 6.68 9.25
C ARG A 47 -3.78 5.49 9.40
N HIS A 48 -5.05 5.76 9.19
CA HIS A 48 -6.06 4.72 9.14
C HIS A 48 -5.76 3.70 8.04
N LEU A 49 -5.37 4.19 6.87
CA LEU A 49 -5.00 3.32 5.77
C LEU A 49 -3.71 2.56 6.10
N PHE A 50 -2.70 3.28 6.55
CA PHE A 50 -1.42 2.64 6.83
C PHE A 50 -1.50 1.62 7.97
N ASP A 51 -2.32 1.89 8.97
CA ASP A 51 -2.46 0.95 10.06
C ASP A 51 -2.91 -0.40 9.48
N VAL A 52 -3.84 -0.36 8.53
CA VAL A 52 -4.27 -1.58 7.86
C VAL A 52 -3.13 -2.27 7.11
N PHE A 53 -2.35 -1.50 6.34
CA PHE A 53 -1.25 -2.07 5.58
C PHE A 53 -0.27 -2.75 6.52
N HIS A 54 0.06 -2.09 7.62
CA HIS A 54 0.94 -2.66 8.63
C HIS A 54 0.34 -3.91 9.30
N ALA A 55 -0.92 -3.80 9.70
CA ALA A 55 -1.59 -4.85 10.44
C ALA A 55 -1.74 -6.11 9.56
N THR A 56 -2.09 -5.91 8.28
CA THR A 56 -2.17 -7.01 7.31
C THR A 56 -0.81 -7.67 7.13
N ALA A 57 0.24 -6.85 6.98
CA ALA A 57 1.60 -7.39 6.81
C ALA A 57 2.02 -8.25 8.00
N LYS A 58 1.71 -7.78 9.20
CA LYS A 58 1.99 -8.53 10.41
C LYS A 58 1.15 -9.80 10.51
N THR A 59 -0.13 -9.70 10.17
CA THR A 59 -0.98 -10.87 10.10
C THR A 59 -0.41 -11.93 9.13
N PHE A 60 0.21 -11.49 8.03
CA PHE A 60 0.71 -12.40 7.02
C PHE A 60 2.20 -12.75 7.21
N GLY A 61 2.80 -12.22 8.27
CA GLY A 61 4.17 -12.55 8.61
C GLY A 61 5.24 -11.90 7.77
N PHE A 62 4.95 -10.77 7.14
CA PHE A 62 5.97 -10.03 6.37
C PHE A 62 6.79 -9.11 7.30
N GLU A 63 8.04 -8.85 6.92
CA GLU A 63 8.97 -8.02 7.70
C GLU A 63 9.15 -6.69 7.00
N GLU A 64 9.09 -5.63 7.79
CA GLU A 64 9.22 -4.32 7.23
C GLU A 64 10.68 -4.01 6.80
N TYR A 65 10.82 -3.26 5.71
CA TYR A 65 12.15 -2.77 5.29
C TYR A 65 11.97 -1.41 4.66
N ASP A 66 13.08 -0.73 4.35
CA ASP A 66 13.02 0.57 3.70
C ASP A 66 14.36 0.85 3.02
N ALA A 67 14.35 1.81 2.09
CA ALA A 67 15.55 2.19 1.38
C ALA A 67 15.38 3.63 0.95
N PRO A 68 16.47 4.25 0.46
CA PRO A 68 16.42 5.66 0.15
C PRO A 68 15.44 5.95 -0.98
N VAL A 69 14.69 7.03 -0.83
CA VAL A 69 13.82 7.51 -1.90
C VAL A 69 14.66 7.91 -3.12
N LEU A 70 15.88 8.36 -2.86
CA LEU A 70 16.85 8.73 -3.88
C LEU A 70 17.65 7.48 -4.25
N GLU A 71 17.55 7.05 -5.51
CA GLU A 71 18.32 5.91 -6.01
C GLU A 71 19.04 6.36 -7.28
N SER A 72 20.04 5.58 -7.68
CA SER A 72 20.77 5.85 -8.92
C SER A 72 19.84 5.53 -10.10
N GLU A 73 19.88 6.41 -11.10
CA GLU A 73 18.98 6.34 -12.27
C GLU A 73 19.16 5.06 -13.08
N GLU A 74 20.37 4.51 -13.09
CA GLU A 74 20.68 3.24 -13.77
C GLU A 74 19.77 2.09 -13.30
N LEU A 75 19.29 2.18 -12.07
CA LEU A 75 18.43 1.17 -11.53
C LEU A 75 17.17 0.94 -12.38
N TYR A 76 16.69 2.00 -13.04
CA TYR A 76 15.42 1.97 -13.78
C TYR A 76 15.51 1.98 -15.31
N ILE A 77 16.71 1.92 -15.86
CA ILE A 77 16.87 1.93 -17.33
C ILE A 77 16.59 0.53 -17.90
N ARG A 78 15.35 0.26 -18.27
CA ARG A 78 14.95 -1.07 -18.77
C ARG A 78 14.70 -1.13 -20.27
N LYS A 79 14.48 0.03 -20.89
CA LYS A 79 14.42 0.13 -22.37
C LYS A 79 13.26 -0.66 -22.98
N ALA A 80 12.10 -0.63 -22.32
CA ALA A 80 10.94 -1.36 -22.79
C ALA A 80 9.71 -0.47 -22.91
N GLY A 81 9.90 0.85 -23.01
CA GLY A 81 8.81 1.80 -23.15
C GLY A 81 7.80 1.84 -22.01
N GLU A 82 8.22 1.44 -20.81
CA GLU A 82 7.32 1.43 -19.64
C GLU A 82 6.95 2.85 -19.24
N GLU A 83 5.67 3.10 -18.97
CA GLU A 83 5.22 4.41 -18.51
C GLU A 83 5.94 4.85 -17.23
N ILE A 84 6.28 3.89 -16.39
CA ILE A 84 6.91 4.16 -15.10
C ILE A 84 8.33 4.73 -15.23
N THR A 85 9.02 4.38 -16.32
CA THR A 85 10.37 4.86 -16.62
C THR A 85 10.36 6.07 -17.56
N GLU A 86 9.33 6.17 -18.41
CA GLU A 86 9.07 7.38 -19.19
C GLU A 86 8.88 8.63 -18.31
N GLN A 87 8.16 8.46 -17.20
CA GLN A 87 7.75 9.56 -16.34
C GLN A 87 8.58 9.63 -15.05
N MET A 88 9.87 9.37 -15.19
CA MET A 88 10.77 9.25 -14.05
C MET A 88 11.24 10.64 -13.60
N PHE A 89 11.10 10.91 -12.30
CA PHE A 89 11.50 12.18 -11.69
C PHE A 89 13.01 12.14 -11.44
N ASN A 90 13.79 12.43 -12.46
CA ASN A 90 15.24 12.32 -12.38
C ASN A 90 15.95 13.67 -12.40
N PHE A 91 17.16 13.70 -11.86
CA PHE A 91 17.99 14.91 -11.88
C PHE A 91 19.47 14.58 -11.67
N ILE A 92 20.32 15.59 -11.88
CA ILE A 92 21.78 15.44 -11.78
C ILE A 92 22.30 16.17 -10.53
N THR A 93 22.99 15.44 -9.65
CA THR A 93 23.65 16.03 -8.48
C THR A 93 24.72 17.03 -8.92
N LYS A 94 25.27 17.79 -7.97
CA LYS A 94 26.38 18.72 -8.26
C LYS A 94 27.67 17.97 -8.63
N GLY A 95 27.82 16.76 -8.10
CA GLY A 95 28.92 15.86 -8.45
C GLY A 95 28.70 15.13 -9.77
N GLY A 96 27.56 15.40 -10.42
CA GLY A 96 27.32 14.92 -11.78
C GLY A 96 26.72 13.53 -11.90
N HIS A 97 26.30 12.96 -10.78
CA HIS A 97 25.66 11.64 -10.81
C HIS A 97 24.21 11.75 -11.30
N ARG A 98 23.81 10.80 -12.14
CA ARG A 98 22.41 10.68 -12.58
C ARG A 98 21.61 9.92 -11.50
N VAL A 99 20.70 10.62 -10.82
CA VAL A 99 19.83 10.02 -9.77
C VAL A 99 18.36 10.33 -10.04
N ALA A 100 17.50 9.69 -9.25
CA ALA A 100 16.07 9.91 -9.36
C ALA A 100 15.34 9.57 -8.06
N LEU A 101 14.26 10.29 -7.81
CA LEU A 101 13.29 9.93 -6.79
C LEU A 101 12.53 8.72 -7.29
N ARG A 102 12.58 7.61 -6.56
CA ARG A 102 12.08 6.33 -7.04
C ARG A 102 10.66 6.44 -7.65
N PRO A 103 10.48 5.92 -8.88
CA PRO A 103 9.13 5.74 -9.44
C PRO A 103 8.40 4.51 -8.89
N GLU A 104 9.14 3.55 -8.38
CA GLU A 104 8.58 2.33 -7.78
C GLU A 104 9.58 1.78 -6.79
N MET A 105 9.19 0.76 -6.03
CA MET A 105 10.07 0.19 -5.03
C MET A 105 10.81 -1.07 -5.46
N THR A 106 10.19 -1.87 -6.34
CA THR A 106 10.71 -3.21 -6.64
C THR A 106 12.22 -3.22 -6.94
N PRO A 107 12.72 -2.29 -7.78
CA PRO A 107 14.17 -2.27 -8.04
C PRO A 107 15.02 -2.06 -6.77
N SER A 108 14.56 -1.19 -5.87
CA SER A 108 15.23 -1.02 -4.60
C SER A 108 15.30 -2.36 -3.84
N LEU A 109 14.15 -3.03 -3.72
CA LEU A 109 14.09 -4.37 -3.11
C LEU A 109 15.14 -5.31 -3.70
N ALA A 110 15.19 -5.40 -5.02
CA ALA A 110 16.13 -6.29 -5.69
C ALA A 110 17.60 -5.95 -5.38
N ARG A 111 17.92 -4.65 -5.33
CA ARG A 111 19.26 -4.18 -4.95
C ARG A 111 19.63 -4.72 -3.57
N LEU A 112 18.75 -4.51 -2.61
CA LEU A 112 18.97 -5.01 -1.26
C LEU A 112 19.13 -6.54 -1.28
N LEU A 113 18.23 -7.25 -1.95
CA LEU A 113 18.31 -8.72 -1.99
C LEU A 113 19.64 -9.16 -2.60
N LEU A 114 20.02 -8.53 -3.71
CA LEU A 114 21.25 -8.89 -4.41
C LEU A 114 22.46 -8.56 -3.55
N GLY A 115 22.37 -7.46 -2.79
CA GLY A 115 23.42 -7.09 -1.85
C GLY A 115 23.64 -8.16 -0.78
N LYS A 116 22.56 -8.77 -0.29
CA LYS A 116 22.67 -9.75 0.79
C LYS A 116 23.22 -11.08 0.29
N GLY A 117 22.86 -11.44 -0.94
CA GLY A 117 23.36 -12.68 -1.56
C GLY A 117 23.04 -13.92 -0.74
N ARG A 118 24.07 -14.71 -0.47
CA ARG A 118 23.93 -16.01 0.21
C ARG A 118 23.52 -15.90 1.67
N SER A 119 23.82 -14.77 2.31
CA SER A 119 23.48 -14.56 3.71
C SER A 119 21.96 -14.39 3.98
N LEU A 120 21.16 -14.15 2.95
CA LEU A 120 19.71 -13.97 3.12
C LEU A 120 18.99 -15.31 3.26
N LEU A 121 18.35 -15.54 4.40
CA LEU A 121 17.54 -16.76 4.56
C LEU A 121 16.31 -16.64 3.67
N LEU A 122 16.01 -17.74 2.99
CA LEU A 122 14.87 -17.83 2.11
C LEU A 122 14.00 -18.99 2.59
N PRO A 123 12.68 -18.90 2.41
CA PRO A 123 12.01 -17.76 1.76
C PRO A 123 11.94 -16.51 2.64
N ALA A 124 11.90 -15.33 2.01
CA ALA A 124 11.81 -14.05 2.71
C ALA A 124 10.53 -13.32 2.30
N LYS A 125 9.91 -12.66 3.26
CA LYS A 125 8.67 -11.93 3.01
C LYS A 125 8.83 -10.51 3.51
N TRP A 126 9.00 -9.58 2.59
CA TRP A 126 9.33 -8.19 2.95
C TRP A 126 8.25 -7.21 2.48
N TYR A 127 7.99 -6.18 3.28
CA TYR A 127 7.04 -5.12 2.92
C TYR A 127 7.54 -3.70 3.28
N SER A 128 6.91 -2.71 2.69
CA SER A 128 7.20 -1.34 3.03
C SER A 128 6.07 -0.51 2.47
N ILE A 129 6.03 0.74 2.87
CA ILE A 129 5.05 1.68 2.39
C ILE A 129 5.79 2.93 1.91
N PRO A 130 6.65 2.81 0.85
CA PRO A 130 7.41 3.96 0.33
C PRO A 130 6.57 4.99 -0.38
N GLN A 131 6.98 6.24 -0.27
CA GLN A 131 6.49 7.28 -1.15
C GLN A 131 7.25 7.15 -2.47
N CYS A 132 6.53 7.23 -3.59
CA CYS A 132 7.10 7.05 -4.92
C CYS A 132 6.72 8.23 -5.81
N TRP A 133 7.50 8.46 -6.85
CA TRP A 133 7.45 9.73 -7.55
C TRP A 133 7.32 9.62 -9.05
N ARG A 134 6.90 10.72 -9.66
CA ARG A 134 6.87 10.87 -11.11
C ARG A 134 6.85 12.35 -11.52
N TYR A 135 7.27 12.63 -12.75
CA TYR A 135 7.14 13.94 -13.37
C TYR A 135 6.39 13.69 -14.68
N GLU A 136 5.32 14.44 -14.93
CA GLU A 136 4.53 14.27 -16.17
C GLU A 136 4.68 15.43 -17.16
N ARG A 142 -2.09 16.81 -12.42
CA ARG A 142 -1.90 15.44 -11.95
C ARG A 142 -0.96 15.37 -10.75
N ARG A 143 -1.13 14.34 -9.93
CA ARG A 143 -0.25 14.10 -8.77
C ARG A 143 1.15 13.64 -9.21
N ARG A 144 2.18 14.11 -8.51
CA ARG A 144 3.56 13.68 -8.76
C ARG A 144 4.10 12.72 -7.70
N GLU A 145 3.31 12.48 -6.63
CA GLU A 145 3.70 11.53 -5.61
C GLU A 145 2.54 10.71 -5.08
N HIS A 146 2.86 9.52 -4.60
CA HIS A 146 1.91 8.70 -3.87
C HIS A 146 2.66 7.76 -2.97
N TYR A 147 1.97 7.29 -1.93
CA TYR A 147 2.47 6.19 -1.13
C TYR A 147 1.95 4.89 -1.73
N GLN A 148 2.77 3.84 -1.63
CA GLN A 148 2.48 2.57 -2.23
C GLN A 148 2.93 1.47 -1.31
N TRP A 149 1.98 0.75 -0.78
CA TRP A 149 2.26 -0.44 0.00
C TRP A 149 2.88 -1.43 -0.95
N ASN A 150 4.04 -1.96 -0.59
CA ASN A 150 4.68 -3.03 -1.33
C ASN A 150 4.75 -4.28 -0.50
N MET A 151 4.40 -5.42 -1.09
CA MET A 151 4.53 -6.73 -0.46
C MET A 151 5.19 -7.66 -1.46
N ASP A 152 6.24 -8.37 -1.03
CA ASP A 152 6.98 -9.24 -1.92
C ASP A 152 7.44 -10.48 -1.19
N ILE A 153 7.30 -11.63 -1.87
CA ILE A 153 7.78 -12.91 -1.39
C ILE A 153 8.95 -13.39 -2.26
N VAL A 154 10.06 -13.73 -1.62
CA VAL A 154 11.30 -14.06 -2.30
C VAL A 154 11.73 -15.49 -1.98
N GLY A 155 12.05 -16.27 -3.02
CA GLY A 155 12.59 -17.62 -2.86
C GLY A 155 11.55 -18.73 -2.88
N VAL A 156 10.38 -18.43 -3.47
CA VAL A 156 9.25 -19.37 -3.57
C VAL A 156 8.85 -19.50 -5.04
N LYS A 157 9.11 -20.68 -5.61
CA LYS A 157 8.78 -21.00 -7.01
C LYS A 157 7.31 -21.20 -7.26
N SER A 158 6.60 -21.78 -6.31
CA SER A 158 5.22 -22.22 -6.53
C SER A 158 4.21 -21.09 -6.36
N VAL A 159 3.03 -21.30 -6.94
CA VAL A 159 1.94 -20.33 -6.95
C VAL A 159 1.45 -19.97 -5.54
N SER A 160 1.80 -20.77 -4.54
CA SER A 160 1.53 -20.42 -3.15
C SER A 160 1.94 -18.99 -2.76
N ALA A 161 3.01 -18.46 -3.38
CA ALA A 161 3.41 -17.08 -3.18
C ALA A 161 2.33 -16.13 -3.64
N GLU A 162 1.94 -16.26 -4.91
CA GLU A 162 0.91 -15.41 -5.50
C GLU A 162 -0.42 -15.53 -4.76
N VAL A 163 -0.75 -16.74 -4.30
CA VAL A 163 -1.96 -16.93 -3.50
C VAL A 163 -1.90 -16.07 -2.24
N GLU A 164 -0.80 -16.16 -1.49
CA GLU A 164 -0.63 -15.40 -0.26
CA GLU A 164 -0.69 -15.40 -0.27
C GLU A 164 -0.77 -13.91 -0.54
N LEU A 165 -0.05 -13.43 -1.56
CA LEU A 165 -0.06 -12.02 -1.94
C LEU A 165 -1.46 -11.50 -2.27
N VAL A 166 -2.16 -12.23 -3.13
CA VAL A 166 -3.52 -11.87 -3.52
C VAL A 166 -4.43 -11.89 -2.29
N CYS A 167 -4.27 -12.88 -1.42
CA CYS A 167 -5.04 -12.92 -0.18
C CYS A 167 -4.73 -11.73 0.73
N ALA A 168 -3.46 -11.37 0.84
CA ALA A 168 -3.09 -10.19 1.62
C ALA A 168 -3.81 -8.96 1.10
N ALA A 169 -3.85 -8.77 -0.20
CA ALA A 169 -4.49 -7.59 -0.77
C ALA A 169 -5.98 -7.60 -0.43
N CYS A 170 -6.64 -8.72 -0.65
CA CYS A 170 -8.04 -8.87 -0.26
C CYS A 170 -8.25 -8.60 1.23
N TRP A 171 -7.36 -9.13 2.07
CA TRP A 171 -7.44 -8.95 3.53
C TRP A 171 -7.42 -7.47 3.92
N ALA A 172 -6.54 -6.70 3.29
CA ALA A 172 -6.45 -5.27 3.57
C ALA A 172 -7.74 -4.56 3.18
N MET A 173 -8.26 -4.88 1.99
CA MET A 173 -9.50 -4.24 1.55
C MET A 173 -10.66 -4.63 2.46
N ARG A 174 -10.73 -5.90 2.88
CA ARG A 174 -11.77 -6.32 3.83
C ARG A 174 -11.59 -5.65 5.19
N SER A 175 -10.36 -5.45 5.64
CA SER A 175 -10.12 -4.75 6.91
C SER A 175 -10.56 -3.29 6.86
N LEU A 176 -10.58 -2.70 5.68
CA LEU A 176 -11.07 -1.33 5.48
C LEU A 176 -12.60 -1.25 5.36
N GLY A 177 -13.27 -2.41 5.38
CA GLY A 177 -14.72 -2.49 5.34
C GLY A 177 -15.32 -2.89 4.00
N LEU A 178 -14.49 -3.19 3.01
CA LEU A 178 -15.00 -3.56 1.68
C LEU A 178 -15.34 -5.04 1.61
N SER A 179 -16.23 -5.41 0.69
CA SER A 179 -16.59 -6.81 0.53
C SER A 179 -16.33 -7.26 -0.89
N SER A 180 -16.57 -8.54 -1.14
CA SER A 180 -16.37 -9.11 -2.47
C SER A 180 -17.47 -8.65 -3.41
N LYS A 181 -18.51 -8.03 -2.87
CA LYS A 181 -19.47 -7.29 -3.70
C LYS A 181 -18.89 -5.97 -4.19
N ASP A 182 -17.98 -5.38 -3.42
CA ASP A 182 -17.41 -4.09 -3.78
C ASP A 182 -16.25 -4.18 -4.75
N VAL A 183 -15.36 -5.14 -4.52
CA VAL A 183 -14.09 -5.24 -5.25
C VAL A 183 -13.78 -6.69 -5.61
N GLY A 184 -12.81 -6.87 -6.51
CA GLY A 184 -12.27 -8.18 -6.81
C GLY A 184 -10.82 -8.09 -7.27
N ILE A 185 -10.20 -9.25 -7.50
CA ILE A 185 -8.86 -9.31 -8.07
C ILE A 185 -8.89 -10.15 -9.34
N LYS A 186 -8.58 -9.52 -10.46
CA LYS A 186 -8.45 -10.18 -11.75
C LYS A 186 -7.11 -10.85 -11.85
N VAL A 187 -7.07 -12.08 -12.34
CA VAL A 187 -5.81 -12.85 -12.35
C VAL A 187 -5.53 -13.50 -13.71
N ASN A 188 -4.26 -13.57 -14.07
CA ASN A 188 -3.85 -14.10 -15.37
C ASN A 188 -2.40 -14.56 -15.32
N SER A 189 -1.94 -15.29 -16.33
CA SER A 189 -0.53 -15.62 -16.51
C SER A 189 -0.01 -15.14 -17.86
N ARG A 190 1.12 -14.45 -17.82
CA ARG A 190 1.82 -14.00 -19.02
C ARG A 190 2.40 -15.14 -19.84
N LYS A 191 2.58 -16.31 -19.21
CA LYS A 191 3.10 -17.48 -19.90
C LYS A 191 2.27 -17.91 -21.10
N VAL A 192 0.95 -17.70 -21.02
CA VAL A 192 0.06 -18.03 -22.13
C VAL A 192 0.46 -17.25 -23.38
N LEU A 193 0.56 -15.94 -23.22
CA LEU A 193 0.89 -15.05 -24.32
C LEU A 193 2.31 -15.30 -24.79
N GLN A 194 3.20 -15.61 -23.85
CA GLN A 194 4.58 -15.99 -24.13
C GLN A 194 4.62 -17.15 -25.12
N THR A 195 3.80 -18.18 -24.86
CA THR A 195 3.67 -19.31 -25.75
C THR A 195 3.27 -18.84 -27.15
N VAL A 196 2.26 -17.98 -27.24
CA VAL A 196 1.82 -17.47 -28.54
C VAL A 196 2.95 -16.71 -29.22
N VAL A 197 3.60 -15.80 -28.49
CA VAL A 197 4.76 -15.08 -29.00
C VAL A 197 5.82 -16.05 -29.52
N GLU A 198 6.09 -17.10 -28.76
CA GLU A 198 7.06 -18.14 -29.15
C GLU A 198 6.55 -18.97 -30.34
N GLN A 199 5.39 -19.60 -30.18
CA GLN A 199 4.75 -20.38 -31.25
C GLN A 199 4.48 -19.57 -32.53
N ALA A 200 4.44 -18.25 -32.42
CA ALA A 200 4.34 -17.38 -33.59
C ALA A 200 5.70 -16.91 -34.08
N GLY A 201 6.74 -17.70 -33.83
CA GLY A 201 8.09 -17.38 -34.26
C GLY A 201 8.54 -15.96 -33.93
N VAL A 202 8.15 -15.47 -32.75
CA VAL A 202 8.50 -14.12 -32.30
C VAL A 202 9.51 -14.19 -31.15
N THR A 203 10.74 -13.77 -31.44
CA THR A 203 11.89 -13.92 -30.53
C THR A 203 11.57 -13.54 -29.08
N SER A 204 12.11 -14.34 -28.15
CA SER A 204 11.91 -14.13 -26.71
C SER A 204 12.19 -12.70 -26.25
N ASP A 205 13.27 -12.13 -26.79
CA ASP A 205 13.67 -10.75 -26.50
C ASP A 205 12.54 -9.72 -26.54
N LYS A 206 11.61 -9.87 -27.49
CA LYS A 206 10.59 -8.86 -27.75
C LYS A 206 9.32 -9.02 -26.91
N PHE A 207 9.28 -10.04 -26.06
CA PHE A 207 8.09 -10.33 -25.24
C PHE A 207 7.74 -9.18 -24.28
N ALA A 208 8.73 -8.60 -23.62
CA ALA A 208 8.48 -7.50 -22.67
C ALA A 208 7.87 -6.26 -23.34
N PRO A 209 8.43 -5.81 -24.48
CA PRO A 209 7.79 -4.77 -25.28
C PRO A 209 6.31 -5.03 -25.60
N VAL A 210 5.99 -6.27 -25.95
CA VAL A 210 4.62 -6.66 -26.31
C VAL A 210 3.64 -6.56 -25.13
N CYS A 211 4.04 -7.04 -23.96
CA CYS A 211 3.21 -6.92 -22.77
C CYS A 211 2.93 -5.46 -22.47
N VAL A 212 3.96 -4.63 -22.55
CA VAL A 212 3.87 -3.20 -22.27
C VAL A 212 2.91 -2.50 -23.22
N ILE A 213 2.93 -2.91 -24.48
CA ILE A 213 2.00 -2.35 -25.48
C ILE A 213 0.58 -2.85 -25.25
N VAL A 214 0.45 -4.16 -25.13
CA VAL A 214 -0.84 -4.83 -24.93
C VAL A 214 -1.52 -4.40 -23.63
N ASP A 215 -0.72 -3.97 -22.64
CA ASP A 215 -1.26 -3.36 -21.42
C ASP A 215 -2.05 -2.08 -21.71
N LYS A 216 -1.72 -1.40 -22.81
CA LYS A 216 -2.42 -0.17 -23.19
C LYS A 216 -3.82 -0.38 -23.78
N MET A 217 -4.30 -1.64 -23.85
CA MET A 217 -5.54 -1.97 -24.56
C MET A 217 -6.80 -1.26 -24.03
N GLU A 218 -6.81 -0.90 -22.75
CA GLU A 218 -7.93 -0.18 -22.15
C GLU A 218 -7.62 1.32 -22.03
N ARG A 222 -4.97 3.80 -26.74
CA ARG A 222 -6.05 3.03 -26.11
C ARG A 222 -6.79 2.17 -27.13
N GLU A 223 -7.01 2.70 -28.33
CA GLU A 223 -7.66 1.96 -29.41
C GLU A 223 -6.67 1.47 -30.47
N GLU A 224 -5.61 2.23 -30.72
CA GLU A 224 -4.65 1.93 -31.80
C GLU A 224 -3.39 1.27 -31.26
N VAL A 225 -3.56 0.22 -30.46
CA VAL A 225 -2.44 -0.59 -29.99
C VAL A 225 -1.90 -1.46 -31.12
N GLU A 226 -2.75 -1.76 -32.09
CA GLU A 226 -2.35 -2.49 -33.30
C GLU A 226 -1.19 -1.79 -34.01
N ALA A 227 -1.25 -0.47 -34.06
CA ALA A 227 -0.20 0.34 -34.68
C ALA A 227 1.17 0.14 -34.01
N GLN A 228 1.17 0.06 -32.68
CA GLN A 228 2.41 -0.10 -31.91
C GLN A 228 3.07 -1.48 -32.08
N LEU A 229 2.24 -2.52 -32.16
CA LEU A 229 2.74 -3.89 -32.34
C LEU A 229 3.36 -4.09 -33.73
N ALA A 230 2.88 -3.36 -34.73
CA ALA A 230 3.49 -3.39 -36.06
C ALA A 230 4.90 -2.84 -35.99
N VAL A 231 5.04 -1.69 -35.32
CA VAL A 231 6.35 -1.11 -35.04
C VAL A 231 7.09 -1.98 -34.02
N THR A 237 -2.05 -12.21 -38.66
CA THR A 237 -0.65 -12.26 -38.27
C THR A 237 -0.53 -12.48 -36.75
N VAL A 238 0.70 -12.47 -36.23
CA VAL A 238 0.94 -12.68 -34.81
C VAL A 238 0.20 -11.69 -33.91
N VAL A 239 -0.19 -10.55 -34.48
CA VAL A 239 -1.02 -9.58 -33.77
C VAL A 239 -2.41 -10.15 -33.51
N ASP A 240 -2.97 -10.83 -34.50
CA ASP A 240 -4.31 -11.40 -34.39
C ASP A 240 -4.40 -12.46 -33.30
N ALA A 241 -3.40 -13.35 -33.24
CA ALA A 241 -3.39 -14.41 -32.24
C ALA A 241 -3.30 -13.83 -30.82
N ILE A 242 -2.58 -12.73 -30.67
CA ILE A 242 -2.52 -11.98 -29.40
C ILE A 242 -3.90 -11.47 -29.00
N THR A 243 -4.62 -10.86 -29.95
CA THR A 243 -5.95 -10.31 -29.69
C THR A 243 -6.93 -11.37 -29.21
N THR A 244 -7.03 -12.46 -29.96
CA THR A 244 -7.94 -13.57 -29.61
C THR A 244 -7.63 -14.10 -28.21
N THR A 245 -6.35 -14.27 -27.89
CA THR A 245 -5.97 -14.85 -26.60
C THR A 245 -6.27 -13.92 -25.41
N LEU A 246 -6.20 -12.60 -25.62
CA LEU A 246 -6.64 -11.63 -24.60
C LEU A 246 -8.14 -11.71 -24.35
N SER A 247 -8.91 -12.03 -25.38
CA SER A 247 -10.36 -12.04 -25.28
C SER A 247 -10.94 -13.38 -24.79
N LEU A 248 -10.09 -14.38 -24.55
CA LEU A 248 -10.55 -15.68 -24.05
C LEU A 248 -11.12 -15.52 -22.65
N LYS A 249 -12.36 -15.92 -22.44
CA LYS A 249 -13.08 -15.57 -21.21
C LYS A 249 -12.98 -16.61 -20.09
N SER A 250 -12.19 -17.65 -20.25
CA SER A 250 -12.11 -18.70 -19.23
C SER A 250 -10.82 -19.51 -19.30
N ILE A 251 -10.52 -20.23 -18.22
CA ILE A 251 -9.33 -21.10 -18.17
C ILE A 251 -9.54 -22.34 -19.08
N ASP A 252 -10.76 -22.84 -19.16
CA ASP A 252 -11.03 -23.96 -20.07
C ASP A 252 -10.74 -23.55 -21.53
N GLU A 253 -11.11 -22.33 -21.90
CA GLU A 253 -10.84 -21.82 -23.25
C GLU A 253 -9.34 -21.69 -23.55
N ILE A 254 -8.55 -21.42 -22.51
CA ILE A 254 -7.09 -21.40 -22.64
C ILE A 254 -6.47 -22.79 -22.56
N ALA A 255 -7.10 -23.66 -21.78
CA ALA A 255 -6.78 -25.09 -21.83
C ALA A 255 -7.06 -25.66 -23.21
N GLN A 256 -8.12 -25.20 -23.88
CA GLN A 256 -8.43 -25.66 -25.25
C GLN A 256 -7.44 -25.10 -26.27
N ARG A 257 -6.92 -23.90 -26.00
CA ARG A 257 -5.97 -23.25 -26.91
C ARG A 257 -4.56 -23.83 -26.83
N VAL A 258 -4.11 -24.23 -25.63
CA VAL A 258 -2.79 -24.92 -25.46
C VAL A 258 -2.71 -26.00 -24.37
N GLY A 259 -3.80 -26.74 -24.16
CA GLY A 259 -3.75 -27.97 -23.35
C GLY A 259 -4.02 -27.79 -21.86
N GLU A 260 -4.63 -28.81 -21.26
CA GLU A 260 -4.96 -28.79 -19.83
C GLU A 260 -3.74 -28.90 -18.93
N GLU A 261 -2.60 -29.25 -19.51
CA GLU A 261 -1.35 -29.30 -18.76
C GLU A 261 -0.29 -28.40 -19.40
N HIS A 262 -0.70 -27.20 -19.79
CA HIS A 262 0.25 -26.12 -20.05
C HIS A 262 0.70 -25.60 -18.69
N GLU A 263 1.87 -24.98 -18.66
CA GLU A 263 2.45 -24.45 -17.42
C GLU A 263 1.41 -23.55 -16.75
N ALA A 264 0.93 -22.58 -17.53
CA ALA A 264 -0.08 -21.63 -17.06
C ALA A 264 -1.40 -22.24 -16.57
N VAL A 265 -1.90 -23.29 -17.22
CA VAL A 265 -3.18 -23.87 -16.80
C VAL A 265 -3.08 -24.51 -15.41
N LYS A 266 -2.06 -25.34 -15.20
CA LYS A 266 -1.85 -25.99 -13.91
C LYS A 266 -1.67 -24.97 -12.79
N GLU A 267 -0.91 -23.91 -13.06
CA GLU A 267 -0.63 -22.88 -12.04
C GLU A 267 -1.89 -22.11 -11.66
N LEU A 268 -2.63 -21.68 -12.66
CA LEU A 268 -3.89 -20.96 -12.43
C LEU A 268 -4.91 -21.82 -11.67
N ARG A 269 -5.03 -23.10 -12.01
CA ARG A 269 -5.92 -24.00 -11.29
C ARG A 269 -5.47 -24.15 -9.85
N GLN A 270 -4.18 -24.40 -9.65
CA GLN A 270 -3.61 -24.47 -8.30
C GLN A 270 -3.87 -23.19 -7.50
N PHE A 271 -3.67 -22.06 -8.16
CA PHE A 271 -3.90 -20.74 -7.55
C PHE A 271 -5.35 -20.59 -7.09
N PHE A 272 -6.29 -20.82 -7.99
CA PHE A 272 -7.70 -20.69 -7.64
C PHE A 272 -8.14 -21.70 -6.58
N GLU A 273 -7.60 -22.90 -6.60
CA GLU A 273 -7.86 -23.87 -5.55
C GLU A 273 -7.41 -23.37 -4.17
N GLN A 274 -6.19 -22.84 -4.09
CA GLN A 274 -5.65 -22.40 -2.80
C GLN A 274 -6.39 -21.19 -2.24
N VAL A 275 -6.72 -20.24 -3.11
CA VAL A 275 -7.49 -19.08 -2.69
C VAL A 275 -8.87 -19.51 -2.20
N GLU A 276 -9.51 -20.43 -2.95
CA GLU A 276 -10.78 -21.02 -2.53
C GLU A 276 -10.70 -21.62 -1.14
N ALA A 277 -9.66 -22.42 -0.91
CA ALA A 277 -9.45 -23.08 0.37
C ALA A 277 -9.16 -22.10 1.54
N TYR A 278 -8.52 -20.97 1.25
CA TYR A 278 -8.23 -19.96 2.28
C TYR A 278 -9.48 -19.16 2.61
N GLY A 279 -10.46 -19.21 1.71
CA GLY A 279 -11.79 -18.67 1.97
C GLY A 279 -12.10 -17.37 1.24
N TYR A 280 -11.35 -17.09 0.18
CA TYR A 280 -11.50 -15.84 -0.56
C TYR A 280 -11.89 -16.09 -2.02
N GLY A 281 -12.55 -17.21 -2.27
CA GLY A 281 -13.08 -17.57 -3.59
C GLY A 281 -13.88 -16.50 -4.29
N ASP A 282 -14.78 -15.84 -3.55
CA ASP A 282 -15.61 -14.78 -4.15
C ASP A 282 -14.84 -13.49 -4.51
N TRP A 283 -13.58 -13.39 -4.10
CA TRP A 283 -12.78 -12.19 -4.37
C TRP A 283 -11.97 -12.21 -5.66
N VAL A 284 -11.78 -13.39 -6.24
CA VAL A 284 -10.84 -13.54 -7.36
C VAL A 284 -11.50 -14.17 -8.58
N LEU A 285 -10.92 -13.93 -9.73
CA LEU A 285 -11.46 -14.44 -10.99
C LEU A 285 -10.41 -14.32 -12.07
N PHE A 286 -10.64 -15.05 -13.16
CA PHE A 286 -9.74 -15.06 -14.28
C PHE A 286 -10.09 -13.95 -15.27
N ASP A 287 -9.06 -13.29 -15.79
CA ASP A 287 -9.23 -12.31 -16.87
C ASP A 287 -7.99 -12.36 -17.76
N ALA A 288 -8.19 -12.85 -18.97
CA ALA A 288 -7.11 -13.05 -19.93
C ALA A 288 -6.55 -11.75 -20.50
N SER A 289 -7.23 -10.63 -20.26
CA SER A 289 -6.76 -9.35 -20.74
C SER A 289 -5.74 -8.67 -19.82
N VAL A 290 -5.57 -9.19 -18.60
CA VAL A 290 -4.65 -8.60 -17.61
C VAL A 290 -3.19 -8.98 -17.89
N VAL A 291 -2.37 -8.01 -18.26
CA VAL A 291 -0.92 -8.26 -18.40
C VAL A 291 -0.05 -7.41 -17.46
N ARG A 292 -0.53 -6.23 -17.08
CA ARG A 292 0.25 -5.22 -16.37
C ARG A 292 1.28 -4.57 -17.30
N GLY A 293 1.74 -3.40 -16.90
CA GLY A 293 2.57 -2.54 -17.74
C GLY A 293 4.07 -2.68 -17.53
N LEU A 294 4.47 -3.52 -16.57
CA LEU A 294 5.87 -3.64 -16.19
C LEU A 294 6.57 -4.76 -16.93
N ALA A 295 7.82 -4.49 -17.31
CA ALA A 295 8.56 -5.37 -18.19
C ALA A 295 8.82 -6.72 -17.53
N TYR A 296 9.09 -6.68 -16.22
CA TYR A 296 9.72 -7.82 -15.56
C TYR A 296 8.80 -8.98 -15.14
N TYR A 297 7.49 -8.84 -15.29
CA TYR A 297 6.59 -9.94 -14.94
C TYR A 297 6.71 -11.14 -15.92
N THR A 298 6.85 -12.34 -15.34
CA THR A 298 7.10 -13.58 -16.11
C THR A 298 5.99 -14.62 -16.03
N GLY A 299 5.15 -14.55 -15.00
CA GLY A 299 4.13 -15.56 -14.77
C GLY A 299 2.80 -14.94 -14.43
N ILE A 300 2.22 -15.39 -13.33
CA ILE A 300 0.95 -14.86 -12.84
C ILE A 300 1.04 -13.34 -12.63
N VAL A 301 0.00 -12.63 -13.05
CA VAL A 301 -0.11 -11.19 -12.86
C VAL A 301 -1.53 -10.92 -12.37
N PHE A 302 -1.73 -9.82 -11.66
CA PHE A 302 -3.05 -9.53 -11.09
C PHE A 302 -3.31 -8.06 -10.79
N GLU A 303 -4.60 -7.72 -10.74
CA GLU A 303 -5.07 -6.36 -10.54
C GLU A 303 -6.33 -6.34 -9.68
N GLY A 304 -6.34 -5.47 -8.68
CA GLY A 304 -7.55 -5.19 -7.95
C GLY A 304 -8.35 -4.16 -8.71
N PHE A 305 -9.66 -4.23 -8.58
CA PHE A 305 -10.56 -3.35 -9.32
C PHE A 305 -11.86 -3.22 -8.57
N ASP A 306 -12.56 -2.11 -8.78
CA ASP A 306 -13.90 -1.95 -8.21
C ASP A 306 -14.93 -2.54 -9.16
N ARG A 307 -15.89 -3.25 -8.57
CA ARG A 307 -16.94 -3.95 -9.32
C ARG A 307 -17.98 -3.04 -9.98
N GLU A 308 -17.88 -1.72 -9.77
CA GLU A 308 -18.74 -0.76 -10.46
C GLU A 308 -18.11 -0.15 -11.73
N GLY A 309 -16.84 -0.45 -11.99
CA GLY A 309 -16.14 0.10 -13.17
C GLY A 309 -15.82 1.59 -13.12
N LYS A 310 -15.80 2.15 -11.92
CA LYS A 310 -15.61 3.59 -11.76
C LYS A 310 -14.17 4.05 -11.58
N PHE A 311 -13.27 3.15 -11.17
CA PHE A 311 -11.91 3.58 -10.81
C PHE A 311 -10.84 2.77 -11.52
N ARG A 312 -9.65 3.35 -11.59
CA ARG A 312 -8.46 2.63 -12.04
C ARG A 312 -8.09 1.51 -11.07
N ALA A 313 -7.04 0.77 -11.40
CA ALA A 313 -6.61 -0.37 -10.60
C ALA A 313 -6.27 0.02 -9.16
N LEU A 314 -6.79 -0.74 -8.19
CA LEU A 314 -6.58 -0.47 -6.76
C LEU A 314 -5.19 -0.90 -6.32
N CYS A 315 -4.71 -1.98 -6.92
CA CYS A 315 -3.40 -2.55 -6.65
C CYS A 315 -3.03 -3.42 -7.83
N GLY A 316 -1.78 -3.84 -7.88
CA GLY A 316 -1.25 -4.55 -9.03
C GLY A 316 0.05 -5.26 -8.75
N GLY A 317 0.26 -6.40 -9.39
CA GLY A 317 1.42 -7.22 -9.10
C GLY A 317 1.58 -8.45 -9.98
N GLY A 318 2.58 -9.26 -9.63
CA GLY A 318 2.85 -10.50 -10.34
C GLY A 318 4.19 -11.12 -9.98
N ARG A 319 4.48 -12.25 -10.62
CA ARG A 319 5.74 -12.96 -10.45
C ARG A 319 6.78 -12.35 -11.38
N TYR A 320 8.01 -12.26 -10.89
CA TYR A 320 9.10 -11.72 -11.68
C TYR A 320 10.38 -12.51 -11.38
N ASP A 321 10.47 -13.70 -11.98
CA ASP A 321 11.50 -14.69 -11.65
C ASP A 321 12.88 -14.40 -12.26
N ASN A 322 12.93 -13.47 -13.21
CA ASN A 322 14.17 -13.16 -13.92
C ASN A 322 14.85 -11.84 -13.51
N LEU A 323 14.14 -10.96 -12.81
CA LEU A 323 14.68 -9.64 -12.47
C LEU A 323 16.07 -9.73 -11.85
N LEU A 324 16.22 -10.52 -10.80
CA LEU A 324 17.50 -10.58 -10.11
C LEU A 324 18.59 -11.17 -11.00
N THR A 325 18.22 -12.06 -11.90
CA THR A 325 19.17 -12.53 -12.90
C THR A 325 19.65 -11.38 -13.82
N THR A 326 18.75 -10.47 -14.21
CA THR A 326 19.14 -9.36 -15.08
C THR A 326 20.06 -8.38 -14.36
N TYR A 327 19.83 -8.22 -13.06
CA TYR A 327 20.67 -7.38 -12.20
C TYR A 327 22.04 -8.01 -11.89
N GLY A 328 22.27 -9.25 -12.34
CA GLY A 328 23.58 -9.92 -12.19
C GLY A 328 23.68 -11.04 -11.16
N SER A 329 22.55 -11.50 -10.61
CA SER A 329 22.56 -12.61 -9.65
C SER A 329 23.10 -13.88 -10.30
N PRO A 330 24.10 -14.54 -9.67
CA PRO A 330 24.61 -15.79 -10.25
C PRO A 330 23.63 -16.97 -10.18
N THR A 331 22.63 -16.89 -9.31
CA THR A 331 21.60 -17.91 -9.25
C THR A 331 20.22 -17.23 -9.43
N PRO A 332 19.33 -17.83 -10.23
CA PRO A 332 17.98 -17.26 -10.40
C PRO A 332 17.24 -17.19 -9.07
N ILE A 333 16.59 -16.06 -8.81
CA ILE A 333 15.85 -15.92 -7.57
C ILE A 333 14.39 -15.65 -7.89
N PRO A 334 13.52 -16.65 -7.65
CA PRO A 334 12.10 -16.42 -7.87
C PRO A 334 11.60 -15.34 -6.92
N CYS A 335 10.70 -14.51 -7.41
CA CYS A 335 10.11 -13.42 -6.66
C CYS A 335 8.70 -13.18 -7.15
N ALA A 336 7.86 -12.65 -6.27
CA ALA A 336 6.55 -12.19 -6.64
C ALA A 336 6.12 -11.12 -5.65
N GLY A 337 5.23 -10.23 -6.08
CA GLY A 337 4.75 -9.17 -5.20
C GLY A 337 3.73 -8.26 -5.82
N PHE A 338 3.42 -7.19 -5.10
CA PHE A 338 2.43 -6.22 -5.56
C PHE A 338 2.63 -4.87 -4.92
N GLY A 339 2.08 -3.87 -5.60
CA GLY A 339 2.00 -2.49 -5.13
C GLY A 339 0.53 -2.15 -5.01
N PHE A 340 0.22 -1.32 -4.01
CA PHE A 340 -1.13 -0.98 -3.63
C PHE A 340 -1.05 0.48 -3.22
N GLY A 341 -1.59 1.34 -4.07
CA GLY A 341 -1.49 2.79 -3.93
C GLY A 341 -2.42 3.35 -2.86
N ASP A 342 -2.23 4.63 -2.55
CA ASP A 342 -2.95 5.24 -1.44
C ASP A 342 -4.08 6.15 -1.91
N CYS A 343 -4.26 6.30 -3.22
CA CYS A 343 -5.24 7.25 -3.75
C CYS A 343 -6.54 6.60 -4.19
N VAL A 344 -6.44 5.63 -5.10
CA VAL A 344 -7.61 4.99 -5.67
C VAL A 344 -8.45 4.39 -4.55
N ILE A 345 -7.79 3.62 -3.68
CA ILE A 345 -8.45 3.05 -2.51
C ILE A 345 -9.22 4.08 -1.66
N VAL A 346 -8.68 5.28 -1.51
CA VAL A 346 -9.33 6.31 -0.70
C VAL A 346 -10.58 6.86 -1.41
N GLU A 347 -10.49 7.12 -2.71
CA GLU A 347 -11.68 7.44 -3.51
C GLU A 347 -12.78 6.38 -3.38
N LEU A 348 -12.39 5.13 -3.53
CA LEU A 348 -13.34 4.04 -3.42
C LEU A 348 -14.01 4.03 -2.04
N LEU A 349 -13.19 4.12 -0.99
CA LEU A 349 -13.72 4.14 0.38
C LEU A 349 -14.65 5.35 0.63
N GLN A 350 -14.30 6.52 0.09
CA GLN A 350 -15.14 7.71 0.18
C GLN A 350 -16.50 7.47 -0.51
N GLU A 351 -16.46 6.96 -1.74
CA GLU A 351 -17.68 6.61 -2.47
C GLU A 351 -18.60 5.64 -1.71
N LYS A 352 -18.01 4.62 -1.09
CA LYS A 352 -18.77 3.61 -0.33
C LYS A 352 -19.13 4.10 1.07
N ARG A 353 -18.68 5.30 1.43
CA ARG A 353 -18.96 5.93 2.72
C ARG A 353 -18.33 5.15 3.87
N LEU A 354 -17.06 4.79 3.67
CA LEU A 354 -16.28 4.01 4.63
C LEU A 354 -15.08 4.81 5.15
N LEU A 355 -15.09 6.12 4.98
CA LEU A 355 -14.07 7.00 5.52
C LEU A 355 -14.73 8.06 6.36
N PRO A 356 -15.45 7.63 7.41
CA PRO A 356 -16.00 8.67 8.26
C PRO A 356 -14.85 9.48 8.82
N ASP A 357 -15.03 10.80 8.91
CA ASP A 357 -14.07 11.67 9.57
C ASP A 357 -13.72 11.03 10.92
N ILE A 358 -12.45 11.03 11.27
CA ILE A 358 -11.98 10.48 12.54
C ILE A 358 -11.54 11.64 13.43
N PRO A 359 -12.29 11.90 14.51
CA PRO A 359 -11.89 13.03 15.35
C PRO A 359 -10.70 12.64 16.20
N HIS A 360 -9.81 13.59 16.45
CA HIS A 360 -8.73 13.38 17.42
C HIS A 360 -9.32 13.04 18.81
N VAL A 361 -8.61 12.20 19.58
CA VAL A 361 -8.98 11.91 20.96
C VAL A 361 -7.77 11.97 21.90
N VAL A 362 -8.06 12.02 23.18
CA VAL A 362 -7.07 12.02 24.24
C VAL A 362 -7.84 11.64 25.50
N ASP A 363 -7.24 10.84 26.38
CA ASP A 363 -7.97 10.33 27.54
C ASP A 363 -8.34 11.45 28.50
N ASP A 364 -7.34 12.18 28.97
CA ASP A 364 -7.55 13.23 29.97
C ASP A 364 -7.06 14.59 29.55
N VAL A 365 -7.80 15.64 29.93
CA VAL A 365 -7.28 17.01 29.94
C VAL A 365 -7.28 17.53 31.39
N VAL A 366 -6.10 17.90 31.88
CA VAL A 366 -5.89 18.37 33.24
C VAL A 366 -6.01 19.89 33.27
N ILE A 367 -6.84 20.37 34.19
CA ILE A 367 -7.19 21.78 34.24
C ILE A 367 -6.80 22.37 35.59
N PRO A 368 -5.75 23.22 35.61
CA PRO A 368 -5.49 23.97 36.82
C PRO A 368 -6.65 24.91 37.11
N PHE A 369 -7.15 24.92 38.33
CA PHE A 369 -8.16 25.89 38.68
C PHE A 369 -7.64 27.32 38.40
N ASP A 370 -6.35 27.53 38.67
CA ASP A 370 -5.69 28.79 38.33
C ASP A 370 -4.20 28.53 38.29
N GLU A 371 -3.42 29.56 37.96
CA GLU A 371 -1.97 29.38 37.80
C GLU A 371 -1.27 28.85 39.05
N SER A 372 -1.77 29.20 40.24
CA SER A 372 -1.15 28.72 41.48
C SER A 372 -1.24 27.20 41.63
N MET A 373 -2.22 26.59 40.97
CA MET A 373 -2.36 25.11 40.96
C MET A 373 -1.56 24.41 39.87
N ARG A 374 -0.84 25.16 39.03
CA ARG A 374 -0.09 24.54 37.92
C ARG A 374 0.89 23.46 38.40
N PRO A 375 1.72 23.76 39.43
CA PRO A 375 2.66 22.75 39.90
C PRO A 375 1.95 21.46 40.26
N HIS A 376 0.85 21.58 40.99
CA HIS A 376 0.06 20.41 41.39
C HIS A 376 -0.59 19.74 40.17
N ALA A 377 -1.15 20.53 39.26
CA ALA A 377 -1.70 19.97 38.00
C ALA A 377 -0.65 19.17 37.19
N LEU A 378 0.59 19.64 37.23
CA LEU A 378 1.71 18.97 36.56
C LEU A 378 2.02 17.63 37.20
N ALA A 379 1.98 17.58 38.52
CA ALA A 379 2.23 16.33 39.21
C ALA A 379 1.16 15.33 38.78
N VAL A 380 -0.09 15.79 38.68
CA VAL A 380 -1.19 14.93 38.28
C VAL A 380 -1.05 14.46 36.82
N LEU A 381 -0.68 15.39 35.93
CA LEU A 381 -0.41 15.04 34.53
C LEU A 381 0.60 13.91 34.47
N ARG A 382 1.62 13.99 35.33
CA ARG A 382 2.67 12.98 35.40
C ARG A 382 2.10 11.60 35.75
N ARG A 383 1.24 11.54 36.77
CA ARG A 383 0.63 10.27 37.19
C ARG A 383 -0.18 9.62 36.06
N LEU A 384 -0.97 10.44 35.39
CA LEU A 384 -1.84 9.96 34.32
C LEU A 384 -1.01 9.37 33.18
N ARG A 385 -0.01 10.11 32.74
CA ARG A 385 0.86 9.64 31.66
C ARG A 385 1.66 8.41 32.10
N ASP A 386 2.18 8.45 33.33
CA ASP A 386 2.89 7.29 33.89
C ASP A 386 2.10 5.99 33.77
N ALA A 387 0.78 6.10 33.75
CA ALA A 387 -0.08 4.92 33.80
C ALA A 387 -0.57 4.52 32.42
N GLY A 388 -0.03 5.16 31.36
CA GLY A 388 -0.28 4.75 30.01
C GLY A 388 -1.39 5.56 29.35
N ARG A 389 -1.88 6.59 30.02
CA ARG A 389 -2.95 7.40 29.47
C ARG A 389 -2.37 8.53 28.62
N SER A 390 -3.16 9.01 27.66
CA SER A 390 -2.79 10.19 26.90
C SER A 390 -3.48 11.39 27.55
N ALA A 391 -2.71 12.42 27.84
CA ALA A 391 -3.20 13.52 28.62
C ALA A 391 -2.57 14.82 28.21
N ASP A 392 -3.40 15.87 28.13
CA ASP A 392 -2.94 17.22 28.01
C ASP A 392 -3.06 17.91 29.36
N ILE A 393 -2.36 19.02 29.48
CA ILE A 393 -2.62 19.99 30.52
C ILE A 393 -2.86 21.31 29.82
N ILE A 394 -3.81 22.09 30.32
CA ILE A 394 -4.06 23.40 29.74
C ILE A 394 -2.76 24.18 29.85
N LEU A 395 -2.18 24.56 28.72
CA LEU A 395 -0.87 25.19 28.72
C LEU A 395 -0.96 26.70 28.94
N ASP A 396 -2.01 27.30 28.41
CA ASP A 396 -2.17 28.75 28.53
C ASP A 396 -3.01 29.09 29.77
N LYS A 397 -3.12 30.37 30.07
CA LYS A 397 -3.90 30.81 31.23
C LYS A 397 -5.32 31.04 30.75
N LYS A 398 -6.29 30.33 31.35
CA LYS A 398 -7.71 30.58 31.01
C LYS A 398 -8.73 30.08 32.03
N LYS A 399 -9.94 30.61 31.92
CA LYS A 399 -11.01 30.26 32.83
C LYS A 399 -11.45 28.82 32.62
N VAL A 400 -11.95 28.23 33.71
CA VAL A 400 -12.31 26.81 33.75
C VAL A 400 -13.27 26.41 32.62
N VAL A 401 -14.35 27.17 32.47
CA VAL A 401 -15.31 26.90 31.41
C VAL A 401 -14.65 26.87 30.03
N GLN A 402 -13.68 27.76 29.78
CA GLN A 402 -12.94 27.76 28.50
C GLN A 402 -12.04 26.53 28.40
N ALA A 403 -11.48 26.14 29.53
CA ALA A 403 -10.65 24.94 29.58
C ALA A 403 -11.49 23.71 29.20
N PHE A 404 -12.67 23.62 29.82
CA PHE A 404 -13.63 22.55 29.53
CA PHE A 404 -13.61 22.52 29.53
C PHE A 404 -14.02 22.52 28.06
N ASN A 405 -14.27 23.70 27.49
CA ASN A 405 -14.61 23.78 26.08
C ASN A 405 -13.47 23.23 25.24
N TYR A 406 -12.25 23.66 25.58
CA TYR A 406 -11.05 23.18 24.92
C TYR A 406 -10.92 21.66 25.00
N ALA A 407 -11.14 21.11 26.20
CA ALA A 407 -11.16 19.68 26.38
C ALA A 407 -12.11 19.00 25.38
N ASP A 408 -13.30 19.57 25.20
CA ASP A 408 -14.30 19.00 24.31
C ASP A 408 -13.88 19.13 22.84
N ARG A 409 -13.24 20.24 22.47
CA ARG A 409 -12.75 20.42 21.10
C ARG A 409 -11.72 19.36 20.72
N VAL A 410 -10.80 19.06 21.63
CA VAL A 410 -9.73 18.09 21.31
C VAL A 410 -10.13 16.63 21.55
N GLY A 411 -11.40 16.37 21.87
CA GLY A 411 -11.92 15.02 21.98
C GLY A 411 -11.51 14.28 23.24
N ALA A 412 -11.39 15.01 24.36
CA ALA A 412 -11.07 14.39 25.65
C ALA A 412 -12.21 13.52 26.17
N VAL A 413 -11.88 12.33 26.68
CA VAL A 413 -12.85 11.42 27.30
C VAL A 413 -13.22 11.93 28.69
N ARG A 414 -12.28 12.64 29.32
CA ARG A 414 -12.40 13.00 30.71
C ARG A 414 -11.65 14.31 30.98
N ALA A 415 -12.22 15.17 31.81
CA ALA A 415 -11.54 16.40 32.27
C ALA A 415 -11.26 16.31 33.77
N VAL A 416 -10.04 16.67 34.14
CA VAL A 416 -9.55 16.57 35.51
C VAL A 416 -9.23 17.97 36.04
N LEU A 417 -10.11 18.50 36.86
CA LEU A 417 -9.93 19.83 37.43
C LEU A 417 -9.17 19.70 38.74
N VAL A 418 -8.08 20.48 38.85
CA VAL A 418 -7.22 20.47 40.02
C VAL A 418 -7.42 21.81 40.74
N ALA A 419 -8.23 21.78 41.80
CA ALA A 419 -8.64 22.99 42.51
C ALA A 419 -8.17 22.99 43.97
N PRO A 420 -7.97 24.19 44.55
CA PRO A 420 -7.36 24.34 45.88
C PRO A 420 -8.04 23.50 46.96
N GLU A 421 -9.36 23.58 47.06
CA GLU A 421 -10.10 22.93 48.15
C GLU A 421 -10.04 21.41 48.06
N GLU A 422 -10.09 20.88 46.84
CA GLU A 422 -9.99 19.44 46.62
C GLU A 422 -8.56 18.95 46.85
N TRP A 423 -7.59 19.71 46.38
CA TRP A 423 -6.18 19.37 46.58
C TRP A 423 -5.81 19.16 48.05
N GLU A 424 -6.46 19.87 48.97
CA GLU A 424 -6.17 19.72 50.40
C GLU A 424 -6.69 18.39 50.95
N ARG A 425 -7.77 17.87 50.36
CA ARG A 425 -8.33 16.58 50.74
C ARG A 425 -7.61 15.43 50.01
N GLY A 426 -6.54 15.75 49.29
CA GLY A 426 -5.82 14.76 48.48
C GLY A 426 -6.61 14.35 47.23
N GLU A 427 -7.33 15.28 46.64
CA GLU A 427 -8.28 14.97 45.58
C GLU A 427 -8.22 15.90 44.38
N VAL A 428 -8.84 15.44 43.30
CA VAL A 428 -9.16 16.27 42.14
C VAL A 428 -10.63 16.08 41.76
N GLN A 429 -11.15 16.96 40.91
CA GLN A 429 -12.50 16.84 40.37
C GLN A 429 -12.44 16.25 38.97
N VAL A 430 -13.20 15.20 38.75
CA VAL A 430 -13.21 14.49 37.48
C VAL A 430 -14.60 14.58 36.89
N LYS A 431 -14.67 14.77 35.57
CA LYS A 431 -15.92 14.84 34.84
C LYS A 431 -15.79 14.13 33.50
N MET A 432 -16.72 13.22 33.21
CA MET A 432 -16.72 12.43 31.98
C MET A 432 -17.46 13.20 30.88
N LEU A 433 -16.93 13.17 29.65
CA LEU A 433 -17.52 13.89 28.53
C LEU A 433 -18.07 12.97 27.44
N ARG A 434 -17.92 11.66 27.60
CA ARG A 434 -18.43 10.67 26.64
C ARG A 434 -19.13 9.51 27.34
N GLY A 447 -19.37 16.22 38.25
CA GLY A 447 -17.98 16.53 38.58
C GLY A 447 -17.54 15.95 39.92
N PHE A 448 -17.69 14.64 40.06
CA PHE A 448 -17.36 13.93 41.31
C PHE A 448 -15.88 14.07 41.69
N ALA A 449 -15.61 14.15 42.98
CA ALA A 449 -14.24 14.29 43.50
C ALA A 449 -13.58 12.91 43.58
N VAL A 450 -12.28 12.86 43.36
CA VAL A 450 -11.56 11.58 43.32
C VAL A 450 -10.20 11.68 44.00
N PRO A 451 -9.83 10.69 44.81
CA PRO A 451 -8.47 10.68 45.36
C PRO A 451 -7.44 10.46 44.26
N LEU A 452 -6.23 10.99 44.46
CA LEU A 452 -5.19 10.92 43.42
C LEU A 452 -4.87 9.49 42.99
N ASP A 453 -4.75 8.57 43.96
CA ASP A 453 -4.47 7.16 43.68
C ASP A 453 -5.48 6.48 42.74
N ARG A 454 -6.72 6.94 42.75
CA ARG A 454 -7.81 6.26 42.01
C ARG A 454 -8.08 6.78 40.61
N LEU A 455 -7.26 7.70 40.12
CA LEU A 455 -7.44 8.26 38.76
C LEU A 455 -7.04 7.29 37.66
N VAL A 456 -6.27 6.25 38.01
CA VAL A 456 -5.66 5.36 37.02
C VAL A 456 -6.09 3.91 37.25
N HIS B . 6.53 -2.34 -8.67
CA HIS B . 5.16 -2.74 -9.13
C HIS B . 4.38 -1.49 -9.53
O HIS B . 3.30 -1.53 -10.12
CB HIS B . 4.42 -3.51 -8.03
CG HIS B . 5.19 -4.68 -7.54
ND1 HIS B . 5.47 -5.77 -8.34
CD2 HIS B . 5.77 -4.94 -6.35
CE1 HIS B . 6.18 -6.65 -7.65
NE2 HIS B . 6.37 -6.18 -6.43
OXT HIS B . 4.88 -0.41 -9.22
C1 4FS C . 3.03 5.69 -10.32
C5 4FS C . 1.43 9.76 -8.02
C3 4FS C . 0.43 7.84 -9.05
C6 4FS C . 2.69 9.28 -8.27
N 4FS C . 5.43 5.76 -10.27
C 4FS C . 4.23 6.33 -9.96
C8 4FS C . 4.13 7.52 -9.26
C7 4FS C . 2.86 8.05 -8.94
C2 4FS C . 1.72 7.32 -9.35
N1 4FS C . 1.82 6.14 -10.04
C4 4FS C . 0.31 9.03 -8.42
C1 EDO D . -0.88 32.57 26.39
O1 EDO D . -0.41 31.83 25.26
C2 EDO D . -0.60 31.81 27.69
O2 EDO D . 0.15 30.62 27.42
S SO4 E . -2.69 5.51 -6.58
O1 SO4 E . -3.42 6.48 -7.43
O2 SO4 E . -3.68 4.64 -5.85
O3 SO4 E . -1.83 6.25 -5.62
O4 SO4 E . -1.81 4.65 -7.40
S SO4 F . 4.92 4.89 8.91
O1 SO4 F . 4.26 3.76 8.23
O2 SO4 F . 4.23 6.13 8.53
O3 SO4 F . 6.34 4.98 8.54
O4 SO4 F . 4.84 4.71 10.38
S SO4 G . -17.10 -11.15 1.79
O1 SO4 G . -17.52 -11.22 0.39
O2 SO4 G . -18.16 -11.66 2.70
O3 SO4 G . -16.88 -9.73 2.14
O4 SO4 G . -15.87 -11.97 1.96
S DMS H . -11.05 -8.40 8.14
O DMS H . -10.48 -9.56 7.42
C1 DMS H . -12.40 -8.84 9.10
C2 DMS H . -9.95 -7.95 9.37
S DMS I . 18.30 -3.03 -15.25
O DMS I . 18.94 -3.44 -13.98
C1 DMS I . 16.77 -3.76 -15.39
C2 DMS I . 17.90 -1.38 -15.17
#